data_5RYT
#
_entry.id   5RYT
#
_cell.length_a   38.540
_cell.length_b   77.390
_cell.length_c   99.650
_cell.angle_alpha   90.000
_cell.angle_beta   90.000
_cell.angle_gamma   90.000
#
_symmetry.space_group_name_H-M   'P 21 21 21'
#
loop_
_entity.id
_entity.type
_entity.pdbx_description
1 polymer 'Isoform 2 of Band 4.1-like protein 3'
2 non-polymer (2,6-difluorophenyl)(pyrrolidin-1-yl)methanone
3 non-polymer 'DIMETHYL SULFOXIDE'
4 non-polymer 1,2-ETHANEDIOL
5 water water
#
_entity_poly.entity_id   1
_entity_poly.type   'polypeptide(L)'
_entity_poly.pdbx_seq_one_letter_code
;SMPKSMQCKVILLDGSEYTCDVEKRSRGQVLFDKVCEHLNLLEKDYFGLTYRDAENQKNWLDPAKEIKKQVRSGAWHFSF
NVKFYPPDPAQLSEDITRYYLCLQLRDDIVSGRLPCSFVTLALLGSYTVQSELGDYDPDECGSDYISEFRFAPNHTKELE
DKVIELHKSHRGMTPAEAEMHFLENAKKLSMYGVDLHHAKDSEGVEIMLGVCASGLLIYRDRLRINRFAWPKVLKISYKR
NNFYIKIRPGEFEQFESTIGFKLPNHRAAKRLWKVCVEHHTFFRLL
;
_entity_poly.pdbx_strand_id   A
#
loop_
_chem_comp.id
_chem_comp.type
_chem_comp.name
_chem_comp.formula
DMS non-polymer 'DIMETHYL SULFOXIDE' 'C2 H6 O S'
EDO non-polymer 1,2-ETHANEDIOL 'C2 H6 O2'
NX7 non-polymer (2,6-difluorophenyl)(pyrrolidin-1-yl)methanone 'C11 H11 F2 N O'
#
# COMPACT_ATOMS: atom_id res chain seq x y z
N PRO A 3 -5.12 25.18 26.10
CA PRO A 3 -4.60 24.30 25.03
C PRO A 3 -5.37 24.45 23.71
N LYS A 4 -4.68 24.88 22.65
CA LYS A 4 -5.31 25.09 21.34
C LYS A 4 -5.25 23.80 20.53
N SER A 5 -6.39 23.36 19.99
N SER A 5 -6.42 23.34 20.08
CA SER A 5 -6.50 22.06 19.29
CA SER A 5 -6.62 22.11 19.28
C SER A 5 -6.95 22.28 17.84
C SER A 5 -6.69 22.48 17.80
N MET A 6 -6.32 21.54 16.91
CA MET A 6 -6.62 21.61 15.47
C MET A 6 -7.55 20.44 15.15
N GLN A 7 -8.53 20.66 14.31
CA GLN A 7 -9.42 19.61 13.82
C GLN A 7 -8.67 18.79 12.76
N CYS A 8 -8.75 17.47 12.84
CA CYS A 8 -8.16 16.56 11.85
C CYS A 8 -9.27 15.80 11.17
N LYS A 9 -9.19 15.66 9.84
CA LYS A 9 -10.12 14.84 9.04
C LYS A 9 -9.33 13.71 8.37
N VAL A 10 -9.76 12.48 8.63
CA VAL A 10 -9.05 11.26 8.16
C VAL A 10 -9.99 10.45 7.29
N ILE A 11 -9.59 10.22 6.04
CA ILE A 11 -10.33 9.30 5.14
C ILE A 11 -9.91 7.88 5.54
N LEU A 12 -10.88 7.11 5.96
CA LEU A 12 -10.71 5.68 6.33
C LEU A 12 -10.83 4.81 5.08
N LEU A 13 -10.44 3.56 5.25
CA LEU A 13 -10.26 2.67 4.07
C LEU A 13 -11.61 2.24 3.52
N ASP A 14 -12.71 2.36 4.28
CA ASP A 14 -14.09 2.14 3.73
C ASP A 14 -14.60 3.39 2.99
N GLY A 15 -13.79 4.45 2.91
CA GLY A 15 -14.17 5.70 2.24
C GLY A 15 -14.86 6.68 3.19
N SER A 16 -15.13 6.30 4.44
CA SER A 16 -15.76 7.21 5.44
C SER A 16 -14.69 8.15 6.01
N GLU A 17 -15.17 9.21 6.70
CA GLU A 17 -14.37 10.34 7.24
C GLU A 17 -14.43 10.29 8.77
N TYR A 18 -13.28 10.22 9.43
CA TYR A 18 -13.20 10.34 10.90
C TYR A 18 -12.68 11.75 11.18
N THR A 19 -13.30 12.42 12.14
CA THR A 19 -12.92 13.78 12.58
C THR A 19 -12.56 13.70 14.05
N CYS A 20 -11.44 14.29 14.43
CA CYS A 20 -11.06 14.44 15.84
C CYS A 20 -10.24 15.71 15.97
N ASP A 21 -9.86 16.04 17.20
CA ASP A 21 -9.02 17.21 17.48
C ASP A 21 -7.78 16.70 18.20
N VAL A 22 -6.64 17.33 17.93
CA VAL A 22 -5.39 17.17 18.71
C VAL A 22 -4.85 18.56 19.01
N GLU A 23 -4.11 18.69 20.11
CA GLU A 23 -3.37 19.91 20.48
C GLU A 23 -2.49 20.28 19.26
N LYS A 24 -2.36 21.58 18.95
CA LYS A 24 -1.78 22.01 17.63
C LYS A 24 -0.30 21.60 17.50
N ARG A 25 0.44 21.38 18.60
CA ARG A 25 1.88 20.97 18.54
C ARG A 25 2.00 19.45 18.65
N SER A 26 0.91 18.72 18.49
CA SER A 26 0.90 17.24 18.58
C SER A 26 1.83 16.62 17.50
N ARG A 27 2.50 15.54 17.88
CA ARG A 27 3.25 14.64 16.99
C ARG A 27 2.26 13.74 16.26
N GLY A 28 2.69 13.17 15.13
CA GLY A 28 1.77 12.36 14.31
C GLY A 28 1.20 11.17 15.10
N GLN A 29 1.98 10.64 16.04
CA GLN A 29 1.60 9.39 16.78
C GLN A 29 0.30 9.66 17.51
N VAL A 30 0.10 10.89 18.00
CA VAL A 30 -1.11 11.25 18.81
C VAL A 30 -2.35 11.04 17.94
N LEU A 31 -2.35 11.61 16.73
CA LEU A 31 -3.50 11.43 15.80
C LEU A 31 -3.66 9.97 15.43
N PHE A 32 -2.57 9.32 15.06
CA PHE A 32 -2.60 7.92 14.60
C PHE A 32 -3.22 7.05 15.71
N ASP A 33 -2.84 7.29 16.97
CA ASP A 33 -3.38 6.47 18.11
C ASP A 33 -4.90 6.65 18.18
N LYS A 34 -5.40 7.89 18.03
CA LYS A 34 -6.86 8.16 18.02
C LYS A 34 -7.53 7.40 16.89
N VAL A 35 -6.96 7.44 15.68
CA VAL A 35 -7.60 6.74 14.54
C VAL A 35 -7.67 5.24 14.82
N CYS A 36 -6.56 4.64 15.25
CA CYS A 36 -6.46 3.19 15.49
C CYS A 36 -7.41 2.77 16.61
N GLU A 37 -7.55 3.55 17.68
CA GLU A 37 -8.59 3.28 18.71
C GLU A 37 -9.98 3.29 18.08
N HIS A 38 -10.32 4.29 17.28
CA HIS A 38 -11.59 4.32 16.50
C HIS A 38 -11.78 3.01 15.70
N LEU A 39 -10.70 2.52 15.07
CA LEU A 39 -10.80 1.35 14.19
C LEU A 39 -10.71 0.05 15.00
N ASN A 40 -10.53 0.09 16.33
CA ASN A 40 -10.29 -1.12 17.17
C ASN A 40 -9.12 -1.94 16.63
N LEU A 41 -8.05 -1.26 16.20
CA LEU A 41 -6.87 -1.89 15.55
C LEU A 41 -5.72 -1.96 16.56
N LEU A 42 -5.24 -3.16 16.85
CA LEU A 42 -4.08 -3.40 17.78
C LEU A 42 -2.78 -3.56 17.00
N GLU A 43 -2.83 -4.20 15.85
CA GLU A 43 -1.61 -4.47 15.08
C GLU A 43 -1.32 -3.24 14.25
N LYS A 44 -0.96 -2.13 14.91
CA LYS A 44 -0.92 -0.76 14.32
C LYS A 44 0.35 -0.54 13.47
N ASP A 45 1.41 -1.32 13.68
CA ASP A 45 2.75 -1.08 13.09
C ASP A 45 2.72 -1.23 11.56
N TYR A 46 1.76 -1.94 10.98
CA TYR A 46 1.68 -2.12 9.51
C TYR A 46 1.07 -0.87 8.85
N PHE A 47 0.54 0.07 9.61
CA PHE A 47 -0.33 1.14 9.06
C PHE A 47 0.31 2.49 9.30
N GLY A 48 -0.28 3.53 8.73
CA GLY A 48 0.16 4.91 8.94
C GLY A 48 -0.85 5.84 8.32
N LEU A 49 -0.57 7.13 8.46
CA LEU A 49 -1.38 8.21 7.87
C LEU A 49 -0.58 8.86 6.75
N THR A 50 -1.29 9.20 5.68
CA THR A 50 -0.71 9.96 4.59
C THR A 50 -1.39 11.34 4.54
N TYR A 51 -0.77 12.30 3.86
CA TYR A 51 -1.46 13.56 3.48
C TYR A 51 -1.02 13.90 2.06
N ARG A 52 -1.71 14.85 1.43
CA ARG A 52 -1.39 15.35 0.06
C ARG A 52 -0.80 16.75 0.21
N ASP A 53 0.37 16.99 -0.39
CA ASP A 53 1.02 18.33 -0.42
C ASP A 53 0.41 19.15 -1.55
N ALA A 54 0.91 20.37 -1.78
CA ALA A 54 0.36 21.35 -2.74
C ALA A 54 0.55 20.83 -4.18
N GLU A 55 1.24 19.69 -4.35
CA GLU A 55 1.40 19.01 -5.66
C GLU A 55 0.45 17.81 -5.71
N ASN A 56 -0.29 17.59 -4.63
CA ASN A 56 -1.24 16.45 -4.43
C ASN A 56 -0.44 15.13 -4.50
N GLN A 57 0.84 15.17 -4.12
CA GLN A 57 1.66 13.93 -3.93
C GLN A 57 1.41 13.40 -2.51
N LYS A 58 1.41 12.07 -2.37
CA LYS A 58 1.14 11.42 -1.06
C LYS A 58 2.45 11.31 -0.28
N ASN A 59 2.43 11.75 0.98
CA ASN A 59 3.56 11.72 1.95
C ASN A 59 3.14 10.95 3.20
N TRP A 60 4.04 10.15 3.80
CA TRP A 60 3.77 9.52 5.11
C TRP A 60 3.84 10.59 6.19
N LEU A 61 2.84 10.65 7.06
CA LEU A 61 2.96 11.46 8.28
C LEU A 61 3.95 10.78 9.22
N ASP A 62 5.08 11.42 9.51
CA ASP A 62 6.03 10.83 10.48
C ASP A 62 5.43 10.92 11.88
N PRO A 63 5.20 9.78 12.56
CA PRO A 63 4.58 9.76 13.87
C PRO A 63 5.43 10.49 14.92
N ALA A 64 6.74 10.56 14.71
CA ALA A 64 7.70 11.14 15.70
C ALA A 64 7.81 12.65 15.58
N LYS A 65 7.24 13.28 14.54
CA LYS A 65 7.45 14.73 14.31
C LYS A 65 6.12 15.47 14.47
N GLU A 66 6.18 16.77 14.78
CA GLU A 66 4.96 17.58 14.91
C GLU A 66 4.17 17.48 13.59
N ILE A 67 2.87 17.33 13.69
CA ILE A 67 1.99 17.36 12.50
C ILE A 67 2.19 18.69 11.75
N LYS A 68 2.27 19.80 12.50
CA LYS A 68 2.30 21.15 11.89
C LYS A 68 3.53 21.35 11.01
N LYS A 69 4.69 20.82 11.45
CA LYS A 69 6.00 20.91 10.75
C LYS A 69 5.95 20.13 9.45
N GLN A 70 5.12 19.09 9.39
CA GLN A 70 5.02 18.20 8.21
C GLN A 70 4.04 18.80 7.20
N VAL A 71 2.79 19.07 7.60
CA VAL A 71 1.70 19.49 6.67
C VAL A 71 1.93 20.95 6.27
N ARG A 72 2.67 21.71 7.09
CA ARG A 72 3.18 23.07 6.77
C ARG A 72 1.99 24.02 6.54
N SER A 73 1.49 24.13 5.30
CA SER A 73 0.43 25.10 4.87
C SER A 73 -0.87 24.39 4.47
N GLY A 74 -0.86 23.07 4.30
CA GLY A 74 -2.01 22.28 3.82
C GLY A 74 -3.12 22.16 4.86
N ALA A 75 -4.30 21.68 4.44
CA ALA A 75 -5.38 21.29 5.37
C ALA A 75 -4.87 20.10 6.18
N TRP A 76 -5.28 20.04 7.45
CA TRP A 76 -5.06 18.87 8.35
C TRP A 76 -6.02 17.76 7.92
N HIS A 77 -5.77 17.27 6.73
CA HIS A 77 -6.58 16.24 6.05
C HIS A 77 -5.63 15.08 5.77
N PHE A 78 -6.05 13.87 6.13
CA PHE A 78 -5.16 12.69 6.08
C PHE A 78 -5.94 11.51 5.52
N SER A 79 -5.20 10.47 5.10
CA SER A 79 -5.77 9.15 4.79
C SER A 79 -5.12 8.09 5.67
N PHE A 80 -5.89 7.10 6.06
CA PHE A 80 -5.39 5.92 6.78
C PHE A 80 -5.05 4.86 5.76
N ASN A 81 -3.85 4.31 5.83
CA ASN A 81 -3.30 3.41 4.79
C ASN A 81 -2.40 2.33 5.37
N VAL A 82 -2.30 1.26 4.60
CA VAL A 82 -1.26 0.23 4.90
C VAL A 82 0.10 0.83 4.48
N LYS A 83 1.05 0.79 5.40
CA LYS A 83 2.42 1.31 5.15
C LYS A 83 3.31 0.11 4.82
N PHE A 84 3.27 -0.95 5.61
CA PHE A 84 4.12 -2.16 5.39
C PHE A 84 3.22 -3.34 5.10
N TYR A 85 3.20 -3.82 3.86
CA TYR A 85 2.31 -4.93 3.47
C TYR A 85 2.90 -6.23 4.00
N PRO A 86 2.21 -6.97 4.89
CA PRO A 86 2.79 -8.21 5.44
C PRO A 86 3.00 -9.24 4.33
N PRO A 87 4.20 -9.85 4.18
CA PRO A 87 4.39 -10.88 3.16
C PRO A 87 3.55 -12.14 3.46
N ASP A 88 3.20 -12.37 4.71
CA ASP A 88 2.35 -13.54 5.06
C ASP A 88 1.21 -13.10 5.96
N PRO A 89 0.12 -12.61 5.36
CA PRO A 89 -1.00 -12.08 6.16
C PRO A 89 -1.62 -13.12 7.11
N ALA A 90 -1.49 -14.43 6.81
CA ALA A 90 -1.93 -15.54 7.73
C ALA A 90 -1.25 -15.41 9.08
N GLN A 91 -0.10 -14.75 9.14
CA GLN A 91 0.65 -14.70 10.41
C GLN A 91 0.22 -13.50 11.23
N LEU A 92 -0.62 -12.60 10.71
CA LEU A 92 -1.12 -11.52 11.60
C LEU A 92 -1.96 -12.16 12.70
N SER A 93 -1.94 -11.55 13.87
CA SER A 93 -2.62 -12.14 15.04
C SER A 93 -4.13 -11.89 14.99
N GLU A 94 -4.61 -10.84 14.28
CA GLU A 94 -6.05 -10.49 14.38
C GLU A 94 -6.72 -10.43 13.02
N ASP A 95 -7.93 -10.98 12.97
CA ASP A 95 -8.79 -10.88 11.79
C ASP A 95 -9.02 -9.40 11.46
N ILE A 96 -9.20 -8.52 12.42
CA ILE A 96 -9.54 -7.11 12.05
C ILE A 96 -8.37 -6.49 11.29
N THR A 97 -7.14 -6.96 11.55
CA THR A 97 -5.94 -6.51 10.83
C THR A 97 -6.05 -6.95 9.39
N ARG A 98 -6.43 -8.20 9.18
CA ARG A 98 -6.53 -8.75 7.82
C ARG A 98 -7.62 -7.96 7.08
N TYR A 99 -8.69 -7.64 7.79
CA TYR A 99 -9.83 -6.89 7.19
C TYR A 99 -9.35 -5.55 6.64
N TYR A 100 -8.67 -4.73 7.42
CA TYR A 100 -8.18 -3.42 6.90
C TYR A 100 -7.18 -3.64 5.77
N LEU A 101 -6.35 -4.68 5.85
CA LEU A 101 -5.42 -4.99 4.75
C LEU A 101 -6.20 -5.27 3.47
N CYS A 102 -7.30 -6.03 3.56
CA CYS A 102 -8.22 -6.31 2.43
C CYS A 102 -8.73 -4.99 1.86
N LEU A 103 -9.24 -4.10 2.71
CA LEU A 103 -9.84 -2.83 2.21
C LEU A 103 -8.75 -2.07 1.45
N GLN A 104 -7.52 -2.01 1.98
CA GLN A 104 -6.42 -1.28 1.28
C GLN A 104 -6.18 -1.93 -0.08
N LEU A 105 -6.08 -3.27 -0.12
CA LEU A 105 -5.80 -4.01 -1.38
C LEU A 105 -6.93 -3.78 -2.40
N ARG A 106 -8.18 -3.77 -1.97
CA ARG A 106 -9.32 -3.44 -2.87
C ARG A 106 -9.08 -2.11 -3.56
N ASP A 107 -8.55 -1.11 -2.85
CA ASP A 107 -8.29 0.25 -3.44
C ASP A 107 -7.04 0.19 -4.31
N ASP A 108 -6.07 -0.62 -3.92
CA ASP A 108 -4.84 -0.87 -4.70
C ASP A 108 -5.27 -1.43 -6.07
N ILE A 109 -6.23 -2.31 -6.07
CA ILE A 109 -6.69 -2.96 -7.33
C ILE A 109 -7.50 -1.96 -8.17
N VAL A 110 -8.52 -1.32 -7.59
CA VAL A 110 -9.45 -0.45 -8.36
C VAL A 110 -8.61 0.68 -8.98
N SER A 111 -7.59 1.16 -8.26
CA SER A 111 -6.76 2.32 -8.65
C SER A 111 -5.77 1.93 -9.75
N GLY A 112 -5.51 0.65 -9.94
CA GLY A 112 -4.51 0.13 -10.88
C GLY A 112 -3.12 0.15 -10.33
N ARG A 113 -2.89 0.50 -9.05
CA ARG A 113 -1.56 0.33 -8.44
C ARG A 113 -1.17 -1.16 -8.38
N LEU A 114 -2.12 -2.07 -8.32
CA LEU A 114 -1.89 -3.54 -8.18
C LEU A 114 -2.52 -4.23 -9.38
N PRO A 115 -1.76 -4.43 -10.46
CA PRO A 115 -2.34 -5.03 -11.65
C PRO A 115 -2.67 -6.46 -11.35
N CYS A 116 -3.64 -6.97 -12.10
N CYS A 116 -3.80 -6.91 -11.91
CA CYS A 116 -4.34 -8.23 -11.81
CA CYS A 116 -4.31 -8.30 -11.80
C CYS A 116 -4.95 -8.80 -13.09
C CYS A 116 -4.76 -8.78 -13.17
N SER A 117 -4.78 -10.10 -13.35
CA SER A 117 -5.42 -10.79 -14.48
C SER A 117 -6.94 -10.73 -14.26
N PHE A 118 -7.68 -10.86 -15.35
CA PHE A 118 -9.13 -11.05 -15.35
C PHE A 118 -9.52 -12.05 -14.29
N VAL A 119 -8.93 -13.27 -14.32
CA VAL A 119 -9.41 -14.32 -13.39
C VAL A 119 -9.13 -13.92 -11.93
N THR A 120 -7.98 -13.35 -11.63
CA THR A 120 -7.64 -12.93 -10.25
C THR A 120 -8.56 -11.77 -9.83
N LEU A 121 -8.87 -10.84 -10.72
CA LEU A 121 -9.85 -9.76 -10.39
C LEU A 121 -11.18 -10.40 -9.94
N ALA A 122 -11.68 -11.36 -10.71
CA ALA A 122 -12.96 -12.04 -10.42
C ALA A 122 -12.89 -12.86 -9.11
N LEU A 123 -11.82 -13.62 -8.91
CA LEU A 123 -11.65 -14.41 -7.67
C LEU A 123 -11.59 -13.50 -6.44
N LEU A 124 -10.74 -12.48 -6.44
CA LEU A 124 -10.71 -11.47 -5.36
C LEU A 124 -12.09 -10.83 -5.15
N GLY A 125 -12.74 -10.39 -6.22
CA GLY A 125 -14.09 -9.82 -6.15
C GLY A 125 -15.06 -10.79 -5.49
N SER A 126 -14.99 -12.08 -5.85
CA SER A 126 -15.88 -13.14 -5.30
C SER A 126 -15.70 -13.29 -3.79
N TYR A 127 -14.47 -13.22 -3.28
CA TYR A 127 -14.21 -13.31 -1.83
C TYR A 127 -14.71 -12.04 -1.11
N THR A 128 -14.55 -10.89 -1.72
CA THR A 128 -15.07 -9.61 -1.18
C THR A 128 -16.58 -9.77 -1.03
N VAL A 129 -17.27 -10.17 -2.11
CA VAL A 129 -18.75 -10.28 -2.08
C VAL A 129 -19.13 -11.29 -0.97
N GLN A 130 -18.45 -12.45 -0.90
CA GLN A 130 -18.75 -13.48 0.10
C GLN A 130 -18.63 -12.88 1.50
N SER A 131 -17.55 -12.15 1.75
N SER A 131 -17.56 -12.11 1.74
CA SER A 131 -17.27 -11.47 3.05
CA SER A 131 -17.24 -11.46 3.04
C SER A 131 -18.34 -10.39 3.31
C SER A 131 -18.21 -10.31 3.33
N GLU A 132 -18.66 -9.58 2.31
CA GLU A 132 -19.57 -8.39 2.48
C GLU A 132 -21.05 -8.81 2.54
N LEU A 133 -21.51 -9.72 1.68
CA LEU A 133 -22.94 -10.09 1.56
C LEU A 133 -23.21 -11.52 2.02
N GLY A 134 -22.22 -12.33 2.35
CA GLY A 134 -22.53 -13.74 2.68
C GLY A 134 -22.81 -14.60 1.46
N ASP A 135 -23.55 -15.68 1.65
CA ASP A 135 -23.80 -16.71 0.61
C ASP A 135 -24.49 -16.13 -0.61
N TYR A 136 -24.13 -16.63 -1.79
CA TYR A 136 -24.83 -16.36 -3.06
C TYR A 136 -26.35 -16.52 -2.87
N ASP A 137 -27.07 -15.49 -3.29
CA ASP A 137 -28.55 -15.37 -3.36
C ASP A 137 -28.96 -15.01 -4.79
N PRO A 138 -29.61 -15.92 -5.55
CA PRO A 138 -30.07 -15.62 -6.91
C PRO A 138 -31.10 -14.48 -6.95
N ASP A 139 -31.85 -14.26 -5.87
CA ASP A 139 -32.93 -13.22 -5.75
C ASP A 139 -32.37 -11.84 -6.04
N GLU A 140 -31.17 -11.53 -5.57
CA GLU A 140 -30.54 -10.19 -5.72
C GLU A 140 -29.85 -10.09 -7.08
N CYS A 141 -29.39 -11.21 -7.62
CA CYS A 141 -28.63 -11.27 -8.90
C CYS A 141 -29.48 -11.89 -10.02
N GLY A 142 -29.80 -11.10 -11.05
CA GLY A 142 -30.28 -11.60 -12.34
C GLY A 142 -29.12 -11.78 -13.31
N SER A 143 -29.41 -12.27 -14.51
CA SER A 143 -28.43 -12.39 -15.62
C SER A 143 -27.87 -10.99 -15.94
N ASP A 144 -28.58 -9.93 -15.55
CA ASP A 144 -28.21 -8.51 -15.85
C ASP A 144 -27.46 -7.86 -14.67
N TYR A 145 -27.13 -8.61 -13.63
CA TYR A 145 -26.62 -8.07 -12.34
C TYR A 145 -25.29 -7.32 -12.49
N ILE A 146 -25.21 -6.12 -11.91
CA ILE A 146 -23.93 -5.36 -11.69
C ILE A 146 -23.81 -4.99 -10.20
N SER A 147 -22.74 -5.45 -9.56
CA SER A 147 -22.46 -5.28 -8.12
C SER A 147 -22.16 -3.82 -7.80
N GLU A 148 -22.47 -3.43 -6.57
CA GLU A 148 -22.11 -2.11 -6.03
C GLU A 148 -20.59 -2.10 -5.85
N PHE A 149 -19.97 -3.26 -5.68
CA PHE A 149 -18.54 -3.33 -5.28
C PHE A 149 -17.77 -3.00 -6.55
N ARG A 150 -16.83 -2.11 -6.37
CA ARG A 150 -15.73 -1.84 -7.32
C ARG A 150 -14.71 -2.97 -7.17
N PHE A 151 -14.40 -3.63 -8.26
CA PHE A 151 -13.51 -4.81 -8.35
C PHE A 151 -12.27 -4.50 -9.14
N ALA A 152 -12.26 -3.49 -10.04
CA ALA A 152 -11.21 -3.40 -11.05
C ALA A 152 -11.12 -1.96 -11.56
N PRO A 153 -9.99 -1.63 -12.18
CA PRO A 153 -9.79 -0.31 -12.78
C PRO A 153 -10.83 -0.04 -13.89
N ASN A 154 -11.24 -1.08 -14.60
CA ASN A 154 -12.30 -0.98 -15.64
C ASN A 154 -13.20 -2.20 -15.53
N HIS A 155 -14.46 -1.96 -15.29
CA HIS A 155 -15.51 -2.98 -15.13
C HIS A 155 -16.09 -3.39 -16.49
N THR A 156 -16.36 -4.69 -16.63
CA THR A 156 -17.03 -5.24 -17.83
C THR A 156 -18.12 -6.18 -17.32
N LYS A 157 -19.10 -6.43 -18.16
CA LYS A 157 -20.18 -7.37 -17.79
C LYS A 157 -19.54 -8.76 -17.61
N GLU A 158 -18.58 -9.12 -18.43
CA GLU A 158 -17.87 -10.44 -18.33
C GLU A 158 -17.26 -10.60 -16.92
N LEU A 159 -16.64 -9.55 -16.40
CA LEU A 159 -16.02 -9.64 -15.05
C LEU A 159 -17.15 -9.81 -14.02
N GLU A 160 -18.23 -9.04 -14.13
CA GLU A 160 -19.35 -9.15 -13.14
C GLU A 160 -19.90 -10.58 -13.16
N ASP A 161 -20.03 -11.17 -14.34
CA ASP A 161 -20.53 -12.56 -14.45
C ASP A 161 -19.56 -13.55 -13.77
N LYS A 162 -18.25 -13.33 -13.95
CA LYS A 162 -17.26 -14.27 -13.40
C LYS A 162 -17.26 -14.17 -11.88
N VAL A 163 -17.38 -12.95 -11.34
CA VAL A 163 -17.50 -12.73 -9.87
C VAL A 163 -18.67 -13.58 -9.38
N ILE A 164 -19.79 -13.55 -10.06
CA ILE A 164 -21.01 -14.25 -9.53
C ILE A 164 -20.76 -15.75 -9.59
N GLU A 165 -20.15 -16.22 -10.69
CA GLU A 165 -19.92 -17.68 -10.90
C GLU A 165 -19.04 -18.18 -9.75
N LEU A 166 -17.99 -17.44 -9.36
CA LEU A 166 -17.05 -17.91 -8.31
C LEU A 166 -17.70 -17.71 -6.95
N HIS A 167 -18.51 -16.65 -6.82
CA HIS A 167 -19.26 -16.43 -5.56
C HIS A 167 -20.12 -17.67 -5.25
N LYS A 168 -20.83 -18.18 -6.23
CA LYS A 168 -21.67 -19.38 -5.99
C LYS A 168 -20.84 -20.47 -5.30
N SER A 169 -19.54 -20.61 -5.58
CA SER A 169 -18.73 -21.74 -5.10
C SER A 169 -18.34 -21.52 -3.62
N HIS A 170 -18.55 -20.32 -3.04
CA HIS A 170 -18.04 -20.04 -1.67
C HIS A 170 -19.13 -20.25 -0.60
N ARG A 171 -20.21 -20.96 -0.90
CA ARG A 171 -21.33 -21.11 0.08
C ARG A 171 -20.78 -21.61 1.41
N GLY A 172 -21.15 -20.94 2.52
CA GLY A 172 -20.83 -21.33 3.90
C GLY A 172 -19.60 -20.63 4.44
N MET A 173 -18.88 -19.91 3.57
CA MET A 173 -17.61 -19.23 3.94
C MET A 173 -17.94 -18.04 4.82
N THR A 174 -17.26 -17.91 5.95
CA THR A 174 -17.45 -16.75 6.85
C THR A 174 -16.59 -15.57 6.40
N PRO A 175 -16.86 -14.34 6.88
CA PRO A 175 -16.10 -13.18 6.44
C PRO A 175 -14.59 -13.36 6.66
N ALA A 176 -14.18 -13.87 7.82
CA ALA A 176 -12.75 -14.03 8.14
C ALA A 176 -12.12 -15.03 7.17
N GLU A 177 -12.86 -16.08 6.79
CA GLU A 177 -12.33 -17.11 5.88
C GLU A 177 -12.16 -16.51 4.48
N ALA A 178 -13.17 -15.76 4.01
CA ALA A 178 -13.17 -15.18 2.64
C ALA A 178 -12.01 -14.16 2.55
N GLU A 179 -11.82 -13.36 3.59
CA GLU A 179 -10.73 -12.37 3.70
C GLU A 179 -9.38 -13.09 3.67
N MET A 180 -9.23 -14.21 4.39
CA MET A 180 -7.94 -14.93 4.36
C MET A 180 -7.66 -15.44 2.94
N HIS A 181 -8.64 -16.03 2.26
CA HIS A 181 -8.51 -16.45 0.84
C HIS A 181 -8.17 -15.26 -0.08
N PHE A 182 -8.87 -14.16 0.10
CA PHE A 182 -8.56 -12.93 -0.68
C PHE A 182 -7.05 -12.70 -0.51
N LEU A 183 -6.54 -12.71 0.73
CA LEU A 183 -5.14 -12.31 0.99
C LEU A 183 -4.15 -13.35 0.45
N GLU A 184 -4.50 -14.64 0.56
CA GLU A 184 -3.62 -15.73 0.02
C GLU A 184 -3.39 -15.53 -1.48
N ASN A 185 -4.42 -15.09 -2.21
CA ASN A 185 -4.28 -14.80 -3.65
C ASN A 185 -3.50 -13.48 -3.87
N ALA A 186 -3.95 -12.39 -3.23
CA ALA A 186 -3.39 -11.06 -3.51
C ALA A 186 -1.89 -11.04 -3.23
N LYS A 187 -1.45 -11.70 -2.17
CA LYS A 187 -0.06 -11.66 -1.69
C LYS A 187 0.87 -12.18 -2.79
N LYS A 188 0.37 -12.96 -3.74
CA LYS A 188 1.21 -13.59 -4.78
C LYS A 188 1.44 -12.68 -5.98
N LEU A 189 0.69 -11.59 -6.07
CA LEU A 189 0.73 -10.78 -7.30
C LEU A 189 2.09 -10.07 -7.34
N SER A 190 2.65 -9.92 -8.52
CA SER A 190 4.02 -9.41 -8.69
C SER A 190 4.14 -7.99 -8.10
N MET A 191 3.09 -7.15 -8.10
CA MET A 191 3.21 -5.78 -7.54
C MET A 191 2.65 -5.69 -6.12
N TYR A 192 2.33 -6.79 -5.45
CA TYR A 192 1.85 -6.74 -4.04
C TYR A 192 2.86 -6.05 -3.12
N GLY A 193 2.41 -4.99 -2.47
CA GLY A 193 3.21 -4.30 -1.44
C GLY A 193 4.33 -3.46 -2.07
N VAL A 194 4.30 -3.23 -3.38
CA VAL A 194 5.40 -2.53 -4.08
C VAL A 194 5.01 -1.07 -4.21
N ASP A 195 5.77 -0.16 -3.57
CA ASP A 195 5.62 1.31 -3.69
C ASP A 195 6.51 1.79 -4.84
N LEU A 196 5.92 2.29 -5.93
CA LEU A 196 6.66 2.66 -7.17
C LEU A 196 6.99 4.16 -7.18
N HIS A 197 8.21 4.47 -7.60
CA HIS A 197 8.72 5.87 -7.67
C HIS A 197 9.30 6.07 -9.07
N HIS A 198 8.88 7.11 -9.78
CA HIS A 198 9.50 7.59 -11.05
C HIS A 198 10.93 8.07 -10.81
N ALA A 199 11.86 7.67 -11.66
CA ALA A 199 13.26 8.11 -11.59
C ALA A 199 13.89 7.96 -12.97
N LYS A 200 15.05 8.56 -13.15
CA LYS A 200 15.90 8.34 -14.35
C LYS A 200 17.17 7.62 -13.91
N ASP A 201 17.70 6.73 -14.75
CA ASP A 201 18.99 6.05 -14.50
C ASP A 201 20.11 7.05 -14.80
N SER A 202 21.36 6.65 -14.65
CA SER A 202 22.58 7.48 -14.86
C SER A 202 22.72 7.94 -16.31
N GLU A 203 22.06 7.28 -17.25
CA GLU A 203 22.07 7.66 -18.69
C GLU A 203 20.82 8.51 -19.01
N GLY A 204 20.01 8.86 -18.00
CA GLY A 204 18.81 9.69 -18.16
C GLY A 204 17.58 8.93 -18.65
N VAL A 205 17.63 7.60 -18.71
CA VAL A 205 16.49 6.75 -19.19
C VAL A 205 15.48 6.57 -18.05
N GLU A 206 14.20 6.80 -18.33
CA GLU A 206 13.06 6.73 -17.38
C GLU A 206 12.94 5.29 -16.89
N ILE A 207 12.94 5.11 -15.58
CA ILE A 207 12.79 3.77 -14.93
C ILE A 207 11.74 3.96 -13.84
N MET A 208 11.42 2.86 -13.16
CA MET A 208 10.60 2.96 -11.95
C MET A 208 11.38 2.22 -10.87
N LEU A 209 11.43 2.77 -9.68
CA LEU A 209 12.04 2.05 -8.53
C LEU A 209 10.91 1.54 -7.64
N GLY A 210 10.91 0.26 -7.30
CA GLY A 210 9.87 -0.27 -6.39
C GLY A 210 10.51 -0.56 -5.06
N VAL A 211 9.79 -0.25 -3.98
CA VAL A 211 10.28 -0.51 -2.61
C VAL A 211 9.29 -1.52 -2.01
N CYS A 212 9.78 -2.62 -1.48
CA CYS A 212 8.89 -3.61 -0.84
C CYS A 212 9.65 -4.36 0.22
N ALA A 213 8.97 -5.26 0.93
CA ALA A 213 9.54 -6.11 2.00
C ALA A 213 10.86 -6.80 1.61
N SER A 214 10.93 -7.31 0.40
CA SER A 214 12.03 -8.21 -0.02
C SER A 214 13.23 -7.36 -0.45
N GLY A 215 12.98 -6.15 -0.94
CA GLY A 215 14.12 -5.29 -1.37
C GLY A 215 13.73 -4.18 -2.31
N LEU A 216 14.62 -3.88 -3.23
CA LEU A 216 14.45 -2.77 -4.18
C LEU A 216 14.45 -3.37 -5.58
N LEU A 217 13.51 -2.89 -6.41
CA LEU A 217 13.32 -3.35 -7.78
C LEU A 217 13.59 -2.15 -8.67
N ILE A 218 14.35 -2.36 -9.74
CA ILE A 218 14.55 -1.35 -10.80
C ILE A 218 13.86 -1.92 -12.02
N TYR A 219 12.74 -1.30 -12.41
CA TYR A 219 11.94 -1.68 -13.61
C TYR A 219 12.39 -0.83 -14.79
N ARG A 220 13.38 -1.35 -15.54
CA ARG A 220 14.02 -0.68 -16.70
C ARG A 220 13.14 -0.89 -17.94
N ASP A 221 12.84 -2.14 -18.29
CA ASP A 221 11.85 -2.49 -19.35
C ASP A 221 11.24 -3.86 -19.01
N ARG A 222 10.31 -4.33 -19.84
CA ARG A 222 9.64 -5.65 -19.67
C ARG A 222 10.71 -6.73 -19.70
N LEU A 223 11.83 -6.42 -20.36
CA LEU A 223 13.07 -7.26 -20.40
C LEU A 223 14.14 -6.59 -19.53
N ARG A 224 14.49 -7.23 -18.42
CA ARG A 224 15.54 -6.77 -17.46
C ARG A 224 14.88 -5.94 -16.35
N ILE A 225 14.47 -6.62 -15.29
CA ILE A 225 14.07 -6.03 -13.98
C ILE A 225 15.18 -6.38 -12.98
N ASN A 226 15.95 -5.38 -12.56
CA ASN A 226 17.02 -5.55 -11.54
C ASN A 226 16.33 -5.72 -10.19
N ARG A 227 16.82 -6.67 -9.40
CA ARG A 227 16.27 -7.04 -8.06
C ARG A 227 17.43 -7.00 -7.05
N PHE A 228 17.34 -6.19 -6.00
CA PHE A 228 18.37 -6.14 -4.96
C PHE A 228 17.68 -6.52 -3.65
N ALA A 229 17.79 -7.78 -3.23
CA ALA A 229 17.30 -8.22 -1.90
C ALA A 229 17.96 -7.28 -0.89
N TRP A 230 17.32 -7.03 0.25
CA TRP A 230 17.92 -6.15 1.28
C TRP A 230 19.36 -6.58 1.59
N PRO A 231 19.69 -7.90 1.75
CA PRO A 231 21.05 -8.28 2.12
C PRO A 231 22.14 -7.66 1.22
N LYS A 232 21.78 -7.42 -0.04
CA LYS A 232 22.66 -6.96 -1.14
C LYS A 232 22.88 -5.44 -1.08
N VAL A 233 22.00 -4.68 -0.42
CA VAL A 233 22.09 -3.18 -0.35
C VAL A 233 22.98 -2.78 0.85
N LEU A 234 24.19 -2.29 0.57
CA LEU A 234 25.18 -1.85 1.59
C LEU A 234 24.69 -0.55 2.24
N LYS A 235 24.22 0.39 1.42
CA LYS A 235 23.95 1.80 1.81
C LYS A 235 23.06 2.45 0.75
N ILE A 236 22.19 3.36 1.20
CA ILE A 236 21.34 4.23 0.34
C ILE A 236 21.59 5.68 0.77
N SER A 237 21.60 6.61 -0.19
CA SER A 237 21.90 8.04 0.05
C SER A 237 21.12 8.93 -0.92
N TYR A 238 20.85 10.17 -0.52
CA TYR A 238 20.27 11.21 -1.41
C TYR A 238 21.09 12.50 -1.28
N LYS A 239 21.57 12.99 -2.42
CA LYS A 239 22.29 14.27 -2.58
C LYS A 239 21.49 15.14 -3.54
N ARG A 240 20.98 16.30 -3.09
CA ARG A 240 20.14 17.20 -3.92
C ARG A 240 19.01 16.33 -4.49
N ASN A 241 18.91 16.18 -5.82
CA ASN A 241 17.86 15.36 -6.49
C ASN A 241 18.37 13.94 -6.71
N ASN A 242 19.58 13.61 -6.25
CA ASN A 242 20.25 12.34 -6.61
C ASN A 242 20.03 11.31 -5.52
N PHE A 243 19.66 10.11 -5.93
CA PHE A 243 19.44 8.94 -5.05
C PHE A 243 20.41 7.87 -5.54
N TYR A 244 21.24 7.36 -4.62
CA TYR A 244 22.32 6.37 -4.91
C TYR A 244 22.12 5.14 -4.03
N ILE A 245 22.25 3.97 -4.64
CA ILE A 245 22.23 2.67 -3.92
C ILE A 245 23.61 2.02 -4.07
N LYS A 246 24.19 1.62 -2.93
CA LYS A 246 25.47 0.89 -2.91
C LYS A 246 25.11 -0.59 -2.70
N ILE A 247 25.66 -1.45 -3.57
CA ILE A 247 25.36 -2.91 -3.66
C ILE A 247 26.62 -3.69 -3.30
N ARG A 248 26.52 -4.67 -2.39
CA ARG A 248 27.66 -5.56 -1.99
C ARG A 248 28.36 -6.08 -3.24
N PRO A 249 29.69 -6.34 -3.17
CA PRO A 249 30.43 -6.92 -4.29
C PRO A 249 29.79 -8.23 -4.76
N GLY A 250 29.53 -8.35 -6.07
CA GLY A 250 29.06 -9.58 -6.72
C GLY A 250 30.13 -10.67 -6.71
N GLU A 251 29.74 -11.89 -7.09
CA GLU A 251 30.69 -13.03 -7.22
C GLU A 251 31.52 -12.81 -8.48
N PHE A 252 32.44 -11.83 -8.45
CA PHE A 252 33.40 -11.42 -9.52
C PHE A 252 33.69 -9.91 -9.46
N GLU A 253 33.19 -9.19 -8.44
CA GLU A 253 33.58 -7.81 -8.09
C GLU A 253 34.51 -7.86 -6.87
N GLN A 254 35.43 -6.90 -6.72
CA GLN A 254 36.30 -6.76 -5.52
C GLN A 254 35.76 -5.62 -4.63
N PHE A 255 35.02 -4.67 -5.22
CA PHE A 255 34.46 -3.49 -4.52
C PHE A 255 32.96 -3.41 -4.80
N GLU A 256 32.20 -2.82 -3.87
CA GLU A 256 30.76 -2.54 -4.05
C GLU A 256 30.56 -1.74 -5.35
N SER A 257 29.37 -1.86 -5.94
CA SER A 257 28.90 -1.10 -7.12
C SER A 257 27.96 0.02 -6.62
N THR A 258 28.03 1.20 -7.21
CA THR A 258 27.12 2.34 -6.86
C THR A 258 26.17 2.55 -8.03
N ILE A 259 24.86 2.51 -7.76
CA ILE A 259 23.88 2.78 -8.82
C ILE A 259 23.24 4.11 -8.42
N GLY A 260 23.21 5.04 -9.36
CA GLY A 260 22.68 6.39 -9.11
C GLY A 260 21.42 6.61 -9.90
N PHE A 261 20.49 7.41 -9.35
CA PHE A 261 19.20 7.69 -9.97
C PHE A 261 18.93 9.19 -9.83
N LYS A 262 18.27 9.75 -10.82
CA LYS A 262 17.83 11.15 -10.79
C LYS A 262 16.35 11.16 -10.48
N LEU A 263 15.95 11.81 -9.39
CA LEU A 263 14.52 12.00 -9.05
C LEU A 263 14.08 13.37 -9.58
N PRO A 264 12.76 13.58 -9.68
CA PRO A 264 12.19 14.86 -10.17
C PRO A 264 12.69 16.13 -9.47
N ASN A 265 12.88 16.02 -8.17
CA ASN A 265 13.25 17.16 -7.32
C ASN A 265 13.79 16.58 -6.04
N HIS A 266 14.31 17.45 -5.19
CA HIS A 266 14.96 17.10 -3.91
C HIS A 266 13.98 16.41 -2.97
N ARG A 267 12.73 16.87 -2.97
CA ARG A 267 11.69 16.30 -2.07
C ARG A 267 11.43 14.86 -2.49
N ALA A 268 11.25 14.60 -3.79
CA ALA A 268 11.00 13.24 -4.30
C ALA A 268 12.18 12.29 -3.96
N ALA A 269 13.42 12.78 -3.91
CA ALA A 269 14.61 11.97 -3.54
C ALA A 269 14.53 11.67 -2.03
N LYS A 270 14.17 12.65 -1.24
CA LYS A 270 14.15 12.48 0.24
C LYS A 270 13.02 11.48 0.56
N ARG A 271 11.89 11.57 -0.12
CA ARG A 271 10.69 10.70 0.11
C ARG A 271 11.12 9.23 -0.13
N LEU A 272 11.80 9.00 -1.24
CA LEU A 272 12.24 7.66 -1.65
C LEU A 272 13.24 7.11 -0.63
N TRP A 273 14.23 7.93 -0.23
CA TRP A 273 15.21 7.55 0.81
C TRP A 273 14.49 7.11 2.08
N LYS A 274 13.51 7.91 2.54
CA LYS A 274 12.86 7.61 3.85
C LYS A 274 12.07 6.28 3.75
N VAL A 275 11.37 6.08 2.67
CA VAL A 275 10.54 4.84 2.51
C VAL A 275 11.48 3.65 2.42
N CYS A 276 12.65 3.79 1.80
CA CYS A 276 13.63 2.69 1.70
C CYS A 276 14.19 2.35 3.09
N VAL A 277 14.66 3.37 3.81
CA VAL A 277 15.13 3.15 5.20
C VAL A 277 14.06 2.43 6.02
N GLU A 278 12.84 2.89 5.95
CA GLU A 278 11.75 2.34 6.80
C GLU A 278 11.49 0.90 6.39
N HIS A 279 11.45 0.59 5.08
CA HIS A 279 11.23 -0.80 4.59
C HIS A 279 12.41 -1.69 4.98
N HIS A 280 13.65 -1.20 4.92
CA HIS A 280 14.83 -2.06 5.27
C HIS A 280 14.75 -2.49 6.74
N THR A 281 14.36 -1.58 7.63
CA THR A 281 14.21 -1.86 9.07
C THR A 281 13.15 -2.96 9.23
N PHE A 282 12.01 -2.84 8.52
CA PHE A 282 10.96 -3.87 8.46
C PHE A 282 11.59 -5.22 8.12
N PHE A 283 12.42 -5.29 7.07
CA PHE A 283 13.12 -6.54 6.62
C PHE A 283 13.96 -7.10 7.78
N ARG A 284 14.76 -6.24 8.43
CA ARG A 284 15.66 -6.58 9.56
C ARG A 284 14.91 -7.33 10.69
N LEU A 285 13.61 -7.07 10.89
CA LEU A 285 12.82 -7.61 12.03
C LEU A 285 11.94 -8.79 11.59
N LEU A 286 11.98 -9.17 10.31
CA LEU A 286 11.27 -10.36 9.78
C LEU A 286 12.01 -11.63 10.20
C4 NX7 B . 8.17 0.96 12.83
C5 NX7 B . 8.66 -0.29 12.49
C6 NX7 B . 8.30 -1.43 13.38
C7 NX7 B . 6.94 -2.48 11.50
C8 NX7 B . 5.93 -3.64 11.51
C10 NX7 B . 7.13 -3.62 13.67
N NX7 B . 7.50 -2.44 12.87
C NX7 B . 9.43 -0.42 11.29
O NX7 B . 8.65 -1.44 14.54
C1 NX7 B . 9.68 0.71 10.48
C2 NX7 B . 9.16 1.94 10.87
C3 NX7 B . 8.41 2.09 12.03
C9 NX7 B . 6.23 -4.48 12.77
F NX7 B . 9.91 -1.58 10.91
F1 NX7 B . 7.50 1.09 13.97
C4 NX7 C . 19.70 0.98 4.09
C5 NX7 C . 20.94 1.38 4.61
C6 NX7 C . 21.20 2.80 5.01
C7 NX7 C . 19.70 2.63 7.07
C8 NX7 C . 19.65 3.59 8.29
C10 NX7 C . 20.79 4.75 6.48
N NX7 C . 20.60 3.32 6.12
C NX7 C . 21.96 0.41 4.67
O NX7 C . 21.98 3.49 4.39
C1 NX7 C . 21.77 -0.91 4.21
C2 NX7 C . 20.53 -1.24 3.65
C3 NX7 C . 19.48 -0.32 3.59
C9 NX7 C . 19.86 4.98 7.69
F NX7 C . 23.15 0.74 5.20
F1 NX7 C . 18.65 1.77 4.15
S DMS D . -10.59 5.47 0.21
O DMS D . -9.57 4.34 0.37
C1 DMS D . -10.06 6.33 -1.25
C2 DMS D . -12.06 4.73 -0.44
S DMS E . 7.25 -9.33 -4.93
O DMS E . 6.35 -9.93 -5.96
C1 DMS E . 6.18 -8.40 -3.86
C2 DMS E . 8.08 -7.97 -5.71
S DMS F . 4.06 -11.43 8.85
O DMS F . 3.95 -11.11 7.37
C1 DMS F . 2.50 -11.08 9.60
C2 DMS F . 4.96 -10.10 9.59
C1 EDO G . -8.69 -13.27 16.54
O1 EDO G . -9.00 -12.29 15.56
C2 EDO G . -8.49 -14.61 15.94
O2 EDO G . -7.53 -14.71 14.88
C1 EDO H . -2.09 4.54 -1.57
O1 EDO H . -3.29 5.24 -1.26
C2 EDO H . -1.33 4.06 -0.40
O2 EDO H . -0.84 5.06 0.49
C1 EDO I . 1.94 3.74 -7.40
O1 EDO I . 1.89 3.91 -8.79
C2 EDO I . 2.14 2.31 -7.01
O2 EDO I . 3.14 2.11 -6.05
C1 EDO J . -16.59 -0.47 -3.58
O1 EDO J . -17.94 -0.86 -3.80
C2 EDO J . -15.77 -1.64 -3.21
O2 EDO J . -14.42 -1.67 -3.68
C1 EDO K . 9.46 24.02 -3.98
O1 EDO K . 8.55 25.10 -4.19
C2 EDO K . 9.00 23.02 -2.98
O2 EDO K . 10.01 22.64 -2.05
C1 EDO L . 0.60 -0.29 -3.25
O1 EDO L . -0.31 0.78 -3.20
C2 EDO L . 1.80 -0.06 -2.41
O2 EDO L . 1.96 1.34 -2.17
#